data_2AM2
#
_entry.id   2AM2
#
_cell.length_a   116.624
_cell.length_b   116.624
_cell.length_c   162.910
_cell.angle_alpha   90.00
_cell.angle_beta   90.00
_cell.angle_gamma   120.00
#
_symmetry.space_group_name_H-M   'P 61 2 2'
#
loop_
_entity.id
_entity.type
_entity.pdbx_description
1 polymer 'UDP-N-acetylmuramoylalanine-D-glutamyl-lysine-D-alanyl-D-alanine ligase, MurF protein'
2 non-polymer 2-CHLORO-N-(3-CYANO-5,6-DIHYDRO-4H-CYCLOPENTA[B]THIOPHEN-2-YL)-5-DIETHYLSULFAMOYL-BENZAMIDE
3 water water
#
_entity_poly.entity_id   1
_entity_poly.type   'polypeptide(L)'
_entity_poly.pdbx_seq_one_letter_code
;(MSE)KLTIHEIAQVVGAKNDISIFEDTQLEKAEFDSRLIGTGDLFVPLKGARDGHDFIETAFENGAAVTLSEKEVSNHP
YILVDDVLTAFQSLASYYLEKTTVDVFAVTGSNGKTTTKD(MSE)LAHLLSTRYKTYKTQGNYNNEIGLPYTVLH(MSE)
PEGTEKLVLE(MSE)GQDHLGDIHLLSELARPKTAIVTLVGEAHLAFFKDRSEIAKGK(MSE)QIADG(MSE)ASGSLLL
APADPIVEDYLPIDKKVVRFGQGAELEITDLVERKDSLTFKANFLEQALDLPVTGKYNATNA(MSE)IASYVALQEGVSE
EQIRLAFQHLELTRNRTEWKKAANGADILSDVYNANPTA(MSE)KLILETFSAIPANEGGKKIAVLAD(MSE)KELGDQS
VQLHNQ(MSE)ILSLSPDVLDIVIFYGEDIAQLAQLASQ(MSE)FPIGHVYYFKKTEDQDQFEDLVKQVKESLGAHDQIL
LKGSNS(MSE)NLAKLVESLEN
;
_entity_poly.pdbx_strand_id   A
#
# COMPACT_ATOMS: atom_id res chain seq x y z
N LYS A 2 3.75 21.86 8.76
CA LYS A 2 3.37 23.21 9.13
C LYS A 2 2.35 23.10 10.27
N LEU A 3 2.81 22.65 11.42
CA LEU A 3 1.96 22.49 12.59
C LEU A 3 2.75 22.73 13.86
N THR A 4 2.04 22.76 14.98
CA THR A 4 2.65 22.97 16.29
C THR A 4 1.99 22.03 17.29
N ILE A 5 2.78 21.48 18.19
CA ILE A 5 2.27 20.54 19.19
C ILE A 5 1.01 21.07 19.88
N HIS A 6 0.93 22.39 20.05
CA HIS A 6 -0.23 22.98 20.69
C HIS A 6 -1.42 22.85 19.72
N GLU A 7 -1.18 23.21 18.47
CA GLU A 7 -2.20 23.14 17.44
C GLU A 7 -2.71 21.73 17.26
N ILE A 8 -1.78 20.79 17.19
CA ILE A 8 -2.14 19.39 17.01
C ILE A 8 -2.98 18.91 18.17
N ALA A 9 -2.52 19.21 19.39
CA ALA A 9 -3.24 18.80 20.59
C ALA A 9 -4.67 19.28 20.49
N GLN A 10 -4.80 20.56 20.14
CA GLN A 10 -6.10 21.20 19.94
C GLN A 10 -6.96 20.37 18.98
N VAL A 11 -6.40 20.11 17.80
CA VAL A 11 -7.04 19.34 16.74
C VAL A 11 -7.44 17.93 17.14
N VAL A 12 -6.55 17.25 17.86
CA VAL A 12 -6.83 15.89 18.30
C VAL A 12 -7.76 15.82 19.52
N GLY A 13 -7.59 16.75 20.45
CA GLY A 13 -8.42 16.74 21.63
C GLY A 13 -7.58 16.35 22.82
N ALA A 14 -6.29 16.70 22.75
CA ALA A 14 -5.33 16.38 23.80
C ALA A 14 -6.01 16.28 25.17
N LYS A 15 -6.40 15.07 25.54
CA LYS A 15 -7.06 14.86 26.81
C LYS A 15 -6.19 15.32 27.99
N ASN A 16 -4.94 15.65 27.71
CA ASN A 16 -4.05 16.12 28.77
C ASN A 16 -4.09 17.64 28.87
N ASP A 17 -3.20 18.35 28.18
CA ASP A 17 -3.19 19.81 28.23
C ASP A 17 -2.34 20.47 27.14
N ILE A 18 -1.03 20.55 27.40
CA ILE A 18 -0.04 21.13 26.48
C ILE A 18 0.50 22.50 26.88
N SER A 19 -0.30 23.27 27.60
CA SER A 19 0.13 24.59 28.06
C SER A 19 1.49 24.45 28.77
N ILE A 20 1.75 23.24 29.25
CA ILE A 20 2.98 22.89 29.94
C ILE A 20 4.20 22.81 29.02
N PHE A 21 3.99 22.24 27.84
CA PHE A 21 5.10 22.09 26.90
C PHE A 21 5.28 23.30 26.02
N GLU A 22 6.55 23.58 25.74
CA GLU A 22 6.98 24.73 24.95
C GLU A 22 6.15 25.13 23.74
N ASP A 23 5.53 24.16 23.06
CA ASP A 23 4.73 24.48 21.87
C ASP A 23 5.72 24.80 20.74
N THR A 24 6.56 23.83 20.42
CA THR A 24 7.53 24.02 19.35
C THR A 24 6.92 23.62 18.00
N GLN A 25 7.29 24.35 16.94
CA GLN A 25 6.78 24.06 15.61
C GLN A 25 7.43 22.77 15.10
N LEU A 26 6.59 21.80 14.74
CA LEU A 26 7.04 20.49 14.29
C LEU A 26 7.72 20.38 12.92
N GLU A 27 8.49 19.31 12.74
CA GLU A 27 9.20 19.10 11.49
C GLU A 27 8.48 18.08 10.60
N LYS A 28 8.06 16.96 11.18
CA LYS A 28 7.34 15.94 10.43
C LYS A 28 6.99 14.74 11.28
N ALA A 29 6.11 13.90 10.76
CA ALA A 29 5.63 12.74 11.48
C ALA A 29 6.22 11.41 11.05
N GLU A 30 6.28 10.47 12.00
CA GLU A 30 6.78 9.14 11.74
C GLU A 30 6.13 8.19 12.73
N PHE A 31 5.87 6.95 12.30
CA PHE A 31 5.28 5.95 13.17
C PHE A 31 6.35 4.89 13.41
N ASP A 32 7.41 5.02 12.62
CA ASP A 32 8.57 4.14 12.65
C ASP A 32 9.69 4.92 13.35
N SER A 33 9.73 4.80 14.68
CA SER A 33 10.72 5.49 15.52
C SER A 33 12.07 5.57 14.85
N ARG A 34 12.38 4.53 14.09
CA ARG A 34 13.65 4.44 13.39
C ARG A 34 13.75 5.45 12.25
N LEU A 35 12.68 6.20 12.01
CA LEU A 35 12.64 7.20 10.95
C LEU A 35 12.57 8.63 11.50
N ILE A 36 12.14 8.76 12.75
CA ILE A 36 12.02 10.04 13.45
C ILE A 36 13.31 10.83 13.39
N GLY A 37 13.19 12.16 13.33
CA GLY A 37 14.37 13.01 13.30
C GLY A 37 14.19 14.13 14.31
N THR A 38 15.15 15.04 14.39
CA THR A 38 15.04 16.15 15.34
C THR A 38 13.87 17.06 15.04
N GLY A 39 13.06 17.31 16.07
CA GLY A 39 11.92 18.19 15.91
C GLY A 39 10.73 17.54 15.24
N ASP A 40 10.74 16.22 15.15
CA ASP A 40 9.64 15.50 14.52
C ASP A 40 8.55 15.10 15.53
N LEU A 41 7.43 14.66 15.00
CA LEU A 41 6.30 14.20 15.82
C LEU A 41 6.29 12.69 15.80
N PHE A 42 6.35 12.07 16.97
CA PHE A 42 6.30 10.63 16.99
C PHE A 42 4.84 10.24 17.13
N VAL A 43 4.48 9.13 16.50
CA VAL A 43 3.12 8.62 16.55
C VAL A 43 3.16 7.10 16.66
N PRO A 44 3.01 6.59 17.89
CA PRO A 44 3.01 5.20 18.32
C PRO A 44 1.79 4.39 17.90
N LEU A 45 1.95 3.63 16.83
CA LEU A 45 0.85 2.81 16.33
C LEU A 45 0.93 1.34 16.78
N LYS A 46 -0.15 0.61 16.58
CA LYS A 46 -0.21 -0.81 16.93
C LYS A 46 0.42 -1.63 15.80
N GLY A 47 1.73 -1.86 15.87
CA GLY A 47 2.41 -2.61 14.82
C GLY A 47 2.69 -4.03 15.25
N ALA A 48 3.78 -4.63 14.75
CA ALA A 48 4.14 -5.99 15.14
C ALA A 48 4.28 -5.95 16.65
N ARG A 49 4.92 -4.88 17.12
CA ARG A 49 5.10 -4.60 18.54
C ARG A 49 4.45 -3.22 18.68
N ASP A 50 3.87 -2.92 19.84
CA ASP A 50 3.23 -1.62 19.99
C ASP A 50 4.20 -0.45 19.83
N GLY A 51 3.72 0.62 19.20
CA GLY A 51 4.57 1.78 18.97
C GLY A 51 5.07 2.46 20.23
N HIS A 52 4.19 2.66 21.20
CA HIS A 52 4.54 3.30 22.46
C HIS A 52 5.88 2.79 22.98
N ASP A 53 6.09 1.48 22.89
CA ASP A 53 7.34 0.88 23.35
C ASP A 53 8.57 1.52 22.70
N PHE A 54 8.37 2.48 21.79
CA PHE A 54 9.50 3.10 21.12
C PHE A 54 9.53 4.60 21.26
N ILE A 55 8.68 5.12 22.15
CA ILE A 55 8.62 6.56 22.37
C ILE A 55 9.93 7.13 22.88
N GLU A 56 10.59 6.41 23.78
CA GLU A 56 11.86 6.89 24.33
C GLU A 56 12.94 6.91 23.27
N THR A 57 12.95 5.89 22.42
CA THR A 57 13.93 5.88 21.36
C THR A 57 13.58 7.01 20.42
N ALA A 58 12.31 7.33 20.34
CA ALA A 58 11.86 8.41 19.47
C ALA A 58 12.62 9.68 19.82
N PHE A 59 12.46 10.15 21.05
CA PHE A 59 13.14 11.37 21.49
C PHE A 59 14.65 11.30 21.32
N GLU A 60 15.25 10.17 21.69
CA GLU A 60 16.70 10.01 21.55
C GLU A 60 17.05 10.28 20.10
N ASN A 61 16.07 10.08 19.22
CA ASN A 61 16.26 10.29 17.79
C ASN A 61 15.92 11.72 17.34
N GLY A 62 15.12 12.43 18.14
CA GLY A 62 14.77 13.79 17.80
C GLY A 62 13.39 14.29 18.16
N ALA A 63 12.44 13.37 18.33
CA ALA A 63 11.08 13.75 18.67
C ALA A 63 11.01 15.01 19.51
N ALA A 64 10.08 15.89 19.15
CA ALA A 64 9.87 17.13 19.88
C ALA A 64 8.65 16.92 20.75
N VAL A 65 7.69 16.18 20.19
CA VAL A 65 6.47 15.86 20.89
C VAL A 65 6.08 14.47 20.41
N THR A 66 5.33 13.75 21.24
CA THR A 66 4.90 12.41 20.89
C THR A 66 3.42 12.21 21.16
N LEU A 67 2.76 11.53 20.25
CA LEU A 67 1.35 11.24 20.45
C LEU A 67 1.41 10.08 21.42
N SER A 68 0.39 9.90 22.25
CA SER A 68 0.38 8.80 23.20
C SER A 68 -0.99 8.59 23.82
N GLU A 69 -1.26 7.35 24.20
CA GLU A 69 -2.54 7.01 24.79
C GLU A 69 -2.33 6.93 26.30
N LYS A 70 -1.14 7.31 26.74
CA LYS A 70 -0.83 7.25 28.17
C LYS A 70 0.20 8.30 28.55
N GLU A 71 0.25 8.62 29.85
CA GLU A 71 1.18 9.62 30.36
C GLU A 71 2.60 9.26 29.94
N VAL A 72 3.37 10.23 29.50
CA VAL A 72 4.74 9.95 29.06
C VAL A 72 5.84 10.41 30.01
N SER A 73 5.52 11.33 30.91
CA SER A 73 6.47 11.85 31.90
C SER A 73 7.86 12.25 31.39
N ASN A 74 8.19 13.52 31.61
CA ASN A 74 9.46 14.10 31.20
C ASN A 74 9.60 14.28 29.69
N HIS A 75 8.48 14.35 28.99
CA HIS A 75 8.49 14.55 27.54
C HIS A 75 7.19 15.13 27.00
N PRO A 76 7.30 15.96 25.96
CA PRO A 76 6.16 16.60 25.29
C PRO A 76 5.28 15.56 24.64
N TYR A 77 4.14 15.26 25.26
CA TYR A 77 3.24 14.27 24.68
C TYR A 77 1.82 14.80 24.58
N ILE A 78 1.10 14.33 23.56
CA ILE A 78 -0.28 14.72 23.33
C ILE A 78 -1.10 13.48 23.66
N LEU A 79 -1.85 13.53 24.76
CA LEU A 79 -2.63 12.38 25.21
C LEU A 79 -4.01 12.19 24.56
N VAL A 80 -4.19 11.09 23.84
CA VAL A 80 -5.47 10.86 23.19
C VAL A 80 -5.99 9.44 23.38
N ASP A 81 -7.27 9.25 23.13
CA ASP A 81 -7.90 7.93 23.28
C ASP A 81 -7.34 6.88 22.32
N ASP A 82 -6.82 7.31 21.17
CA ASP A 82 -6.26 6.40 20.17
C ASP A 82 -5.35 7.11 19.17
N VAL A 83 -4.12 6.65 19.07
CA VAL A 83 -3.14 7.27 18.20
C VAL A 83 -3.53 7.31 16.74
N LEU A 84 -3.98 6.18 16.18
CA LEU A 84 -4.35 6.15 14.77
C LEU A 84 -5.51 7.09 14.43
N THR A 85 -6.49 7.17 15.32
CA THR A 85 -7.61 8.06 15.09
C THR A 85 -7.13 9.49 15.14
N ALA A 86 -6.22 9.77 16.07
CA ALA A 86 -5.69 11.11 16.20
C ALA A 86 -4.86 11.45 14.96
N PHE A 87 -4.06 10.49 14.53
CA PHE A 87 -3.21 10.65 13.35
C PHE A 87 -4.11 10.91 12.15
N GLN A 88 -5.24 10.22 12.09
CA GLN A 88 -6.16 10.43 10.99
C GLN A 88 -6.66 11.86 11.04
N SER A 89 -7.37 12.19 12.13
CA SER A 89 -7.90 13.55 12.31
C SER A 89 -6.88 14.63 11.96
N LEU A 90 -5.61 14.39 12.28
CA LEU A 90 -4.61 15.40 11.97
C LEU A 90 -4.46 15.55 10.45
N ALA A 91 -4.55 14.45 9.71
CA ALA A 91 -4.42 14.52 8.27
C ALA A 91 -5.65 15.20 7.68
N SER A 92 -6.81 14.80 8.16
CA SER A 92 -8.06 15.38 7.70
C SER A 92 -7.98 16.90 7.84
N TYR A 93 -7.55 17.34 9.02
CA TYR A 93 -7.37 18.75 9.33
C TYR A 93 -6.35 19.43 8.43
N TYR A 94 -5.20 18.80 8.25
CA TYR A 94 -4.15 19.36 7.42
C TYR A 94 -4.66 19.63 6.00
N LEU A 95 -5.43 18.69 5.46
CA LEU A 95 -6.01 18.81 4.12
C LEU A 95 -6.91 20.04 3.99
N GLU A 96 -7.52 20.43 5.10
CA GLU A 96 -8.40 21.59 5.16
C GLU A 96 -7.56 22.86 5.23
N LYS A 97 -6.43 22.78 5.91
CA LYS A 97 -5.55 23.93 6.06
C LYS A 97 -4.68 24.15 4.82
N THR A 98 -4.48 23.08 4.05
CA THR A 98 -3.65 23.18 2.86
C THR A 98 -4.50 23.61 1.66
N THR A 99 -5.78 23.24 1.70
CA THR A 99 -6.73 23.54 0.63
C THR A 99 -6.20 23.01 -0.69
N VAL A 100 -5.39 21.97 -0.59
CA VAL A 100 -4.79 21.32 -1.75
C VAL A 100 -5.83 20.44 -2.39
N ASP A 101 -5.76 20.25 -3.70
CA ASP A 101 -6.71 19.40 -4.39
C ASP A 101 -6.36 17.93 -4.22
N VAL A 102 -7.33 17.16 -3.77
CA VAL A 102 -7.12 15.73 -3.57
C VAL A 102 -7.74 14.90 -4.69
N PHE A 103 -6.95 13.99 -5.23
CA PHE A 103 -7.42 13.13 -6.29
C PHE A 103 -7.30 11.71 -5.74
N ALA A 104 -8.43 11.05 -5.55
CA ALA A 104 -8.45 9.70 -5.04
C ALA A 104 -8.54 8.72 -6.18
N VAL A 105 -7.84 7.60 -6.03
CA VAL A 105 -7.86 6.57 -7.05
C VAL A 105 -7.84 5.19 -6.37
N THR A 106 -8.61 4.26 -6.90
CA THR A 106 -8.64 2.95 -6.31
C THR A 106 -8.41 1.86 -7.30
N GLY A 107 -7.33 1.12 -7.09
CA GLY A 107 -6.99 0.02 -7.98
C GLY A 107 -5.55 0.11 -8.44
N SER A 108 -4.66 -0.53 -7.68
CA SER A 108 -3.23 -0.52 -8.00
C SER A 108 -2.99 -1.02 -9.40
N ASN A 109 -3.12 -2.33 -9.57
CA ASN A 109 -2.91 -2.99 -10.85
C ASN A 109 -1.52 -3.60 -10.92
N GLY A 110 -0.62 -2.97 -11.67
CA GLY A 110 0.71 -3.52 -11.80
C GLY A 110 1.80 -2.67 -12.41
N LYS A 111 2.07 -2.85 -13.69
CA LYS A 111 3.13 -2.13 -14.39
C LYS A 111 3.24 -0.63 -14.10
N THR A 112 2.17 0.11 -14.35
CA THR A 112 2.17 1.55 -14.09
C THR A 112 0.77 1.98 -13.66
N THR A 113 0.58 2.06 -12.34
CA THR A 113 -0.69 2.42 -11.73
C THR A 113 -1.30 3.74 -12.17
N THR A 114 -2.62 3.75 -12.22
CA THR A 114 -3.38 4.93 -12.60
C THR A 114 -2.98 6.03 -11.64
N LYS A 115 -2.54 5.64 -10.45
CA LYS A 115 -2.12 6.59 -9.44
C LYS A 115 -0.85 7.32 -9.87
N ASP A 116 0.10 6.59 -10.43
CA ASP A 116 1.36 7.18 -10.89
C ASP A 116 1.22 8.00 -12.16
N LEU A 118 -1.67 9.49 -13.45
CA LEU A 118 -2.43 10.71 -13.22
C LEU A 118 -1.49 11.72 -12.58
N ALA A 119 -0.76 11.29 -11.56
CA ALA A 119 0.16 12.19 -10.89
C ALA A 119 1.16 12.72 -11.93
N HIS A 120 1.75 11.82 -12.69
CA HIS A 120 2.72 12.20 -13.69
C HIS A 120 2.23 13.34 -14.57
N LEU A 121 1.00 13.23 -15.07
CA LEU A 121 0.43 14.29 -15.93
C LEU A 121 0.24 15.59 -15.16
N LEU A 122 -0.27 15.51 -13.94
CA LEU A 122 -0.48 16.70 -13.14
C LEU A 122 0.79 17.47 -12.82
N SER A 123 1.93 16.78 -12.78
CA SER A 123 3.20 17.41 -12.49
C SER A 123 3.62 18.42 -13.56
N THR A 124 3.39 18.08 -14.81
CA THR A 124 3.76 18.95 -15.89
C THR A 124 3.36 20.41 -15.65
N ARG A 125 2.36 20.63 -14.80
CA ARG A 125 1.91 21.98 -14.55
C ARG A 125 1.91 22.40 -13.09
N TYR A 126 1.42 21.52 -12.21
CA TYR A 126 1.31 21.83 -10.80
C TYR A 126 2.25 21.05 -9.92
N LYS A 127 2.61 21.63 -8.79
CA LYS A 127 3.46 20.97 -7.82
C LYS A 127 2.60 19.86 -7.21
N THR A 128 2.72 18.63 -7.70
CA THR A 128 1.93 17.54 -7.18
C THR A 128 2.72 16.56 -6.29
N TYR A 129 1.99 15.78 -5.50
CA TYR A 129 2.60 14.78 -4.62
C TYR A 129 1.64 13.60 -4.56
N LYS A 130 2.17 12.37 -4.59
CA LYS A 130 1.34 11.18 -4.60
C LYS A 130 1.61 10.15 -3.52
N THR A 131 0.67 9.23 -3.34
CA THR A 131 0.84 8.17 -2.36
C THR A 131 2.14 7.46 -2.75
N GLN A 132 3.09 7.42 -1.83
CA GLN A 132 4.36 6.77 -2.11
C GLN A 132 4.26 5.28 -1.83
N GLY A 133 4.58 4.47 -2.83
CA GLY A 133 4.54 3.02 -2.69
C GLY A 133 3.15 2.44 -2.57
N ASN A 134 2.93 1.67 -1.51
CA ASN A 134 1.63 1.06 -1.25
C ASN A 134 1.05 1.60 0.05
N TYR A 135 1.44 2.84 0.36
CA TYR A 135 0.96 3.53 1.54
C TYR A 135 -0.46 3.98 1.21
N ASN A 136 -1.32 3.05 0.83
CA ASN A 136 -2.68 3.39 0.46
C ASN A 136 -3.74 2.84 1.39
N ASN A 137 -3.37 2.61 2.65
CA ASN A 137 -4.31 2.07 3.63
C ASN A 137 -4.58 3.10 4.73
N GLU A 138 -5.33 2.71 5.75
CA GLU A 138 -5.67 3.61 6.84
C GLU A 138 -4.47 4.22 7.56
N ILE A 139 -3.26 3.77 7.28
CA ILE A 139 -2.07 4.35 7.92
C ILE A 139 -1.29 5.13 6.88
N GLY A 140 -1.20 4.55 5.69
CA GLY A 140 -0.47 5.18 4.60
C GLY A 140 -1.08 6.46 4.09
N LEU A 141 -2.40 6.53 4.03
CA LEU A 141 -3.00 7.75 3.53
C LEU A 141 -2.68 8.92 4.46
N PRO A 142 -3.06 8.83 5.74
CA PRO A 142 -2.77 9.91 6.67
C PRO A 142 -1.28 10.24 6.66
N TYR A 143 -0.46 9.23 6.45
CA TYR A 143 0.98 9.43 6.41
C TYR A 143 1.30 10.28 5.20
N THR A 144 0.79 9.82 4.07
CA THR A 144 1.01 10.48 2.79
C THR A 144 0.59 11.93 2.86
N VAL A 145 -0.63 12.16 3.34
CA VAL A 145 -1.14 13.51 3.44
C VAL A 145 -0.18 14.40 4.18
N LEU A 146 0.10 14.04 5.43
CA LEU A 146 0.98 14.83 6.28
C LEU A 146 2.39 15.00 5.73
N HIS A 147 2.83 14.09 4.89
CA HIS A 147 4.17 14.19 4.34
C HIS A 147 4.25 15.06 3.12
N PRO A 149 4.78 17.91 0.65
CA PRO A 149 5.76 18.99 0.61
C PRO A 149 5.10 20.35 0.68
N GLU A 150 5.85 21.33 1.18
CA GLU A 150 5.33 22.69 1.29
C GLU A 150 4.96 23.22 -0.10
N GLY A 151 3.75 23.77 -0.18
CA GLY A 151 3.27 24.31 -1.44
C GLY A 151 2.81 23.26 -2.43
N THR A 152 2.13 22.22 -1.93
CA THR A 152 1.65 21.17 -2.80
C THR A 152 0.29 21.54 -3.36
N GLU A 153 0.19 21.57 -4.69
CA GLU A 153 -1.05 21.93 -5.38
C GLU A 153 -2.00 20.78 -5.67
N LYS A 154 -1.46 19.67 -6.16
CA LYS A 154 -2.28 18.50 -6.46
C LYS A 154 -1.74 17.29 -5.71
N LEU A 155 -2.59 16.63 -4.96
CA LEU A 155 -2.18 15.46 -4.22
C LEU A 155 -2.95 14.25 -4.74
N VAL A 156 -2.26 13.29 -5.34
CA VAL A 156 -2.94 12.10 -5.84
C VAL A 156 -2.82 10.99 -4.81
N LEU A 157 -3.94 10.55 -4.24
CA LEU A 157 -3.93 9.49 -3.23
C LEU A 157 -4.54 8.18 -3.72
N GLU A 158 -3.92 7.08 -3.38
CA GLU A 158 -4.43 5.76 -3.75
C GLU A 158 -5.13 5.22 -2.51
N GLY A 160 -6.60 1.60 -1.07
CA GLY A 160 -6.81 0.17 -1.20
C GLY A 160 -7.85 -0.23 -0.18
N GLN A 161 -8.24 -1.49 -0.21
CA GLN A 161 -9.23 -2.01 0.71
C GLN A 161 -8.97 -3.50 0.98
N ASP A 162 -9.39 -3.95 2.16
CA ASP A 162 -9.24 -5.35 2.53
C ASP A 162 -10.58 -5.81 3.06
N HIS A 163 -11.30 -4.87 3.66
CA HIS A 163 -12.63 -5.13 4.21
C HIS A 163 -13.60 -4.02 3.79
N LEU A 164 -14.79 -4.42 3.37
CA LEU A 164 -15.82 -3.50 2.96
C LEU A 164 -16.07 -2.39 3.99
N GLY A 165 -15.58 -1.20 3.69
CA GLY A 165 -15.76 -0.08 4.59
C GLY A 165 -14.47 0.66 4.75
N ASP A 166 -13.38 0.08 4.28
CA ASP A 166 -12.08 0.72 4.42
C ASP A 166 -11.98 1.95 3.55
N ILE A 167 -12.55 1.88 2.36
CA ILE A 167 -12.49 3.01 1.44
C ILE A 167 -13.46 4.12 1.82
N HIS A 168 -14.54 3.74 2.49
CA HIS A 168 -15.50 4.74 2.93
C HIS A 168 -14.81 5.65 3.92
N LEU A 169 -13.93 5.06 4.73
CA LEU A 169 -13.21 5.82 5.74
C LEU A 169 -12.20 6.76 5.10
N LEU A 170 -11.42 6.21 4.17
CA LEU A 170 -10.40 6.98 3.47
C LEU A 170 -11.02 8.15 2.76
N SER A 171 -12.14 7.92 2.07
CA SER A 171 -12.85 8.97 1.36
C SER A 171 -13.33 10.03 2.32
N GLU A 172 -13.90 9.59 3.43
CA GLU A 172 -14.39 10.55 4.39
C GLU A 172 -13.23 11.37 4.97
N LEU A 173 -12.05 10.78 5.03
CA LEU A 173 -10.91 11.50 5.57
C LEU A 173 -10.30 12.51 4.60
N ALA A 174 -10.07 12.11 3.36
CA ALA A 174 -9.46 13.00 2.38
C ALA A 174 -10.39 13.94 1.62
N ARG A 175 -11.65 13.56 1.47
CA ARG A 175 -12.62 14.37 0.73
C ARG A 175 -12.12 14.71 -0.68
N PRO A 176 -11.90 13.68 -1.51
CA PRO A 176 -11.42 13.83 -2.88
C PRO A 176 -12.23 14.83 -3.67
N LYS A 177 -11.54 15.62 -4.47
CA LYS A 177 -12.19 16.59 -5.32
C LYS A 177 -12.63 15.82 -6.56
N THR A 178 -11.88 14.76 -6.88
CA THR A 178 -12.15 13.90 -8.04
C THR A 178 -11.73 12.51 -7.63
N ALA A 179 -12.32 11.48 -8.26
CA ALA A 179 -11.96 10.12 -7.94
C ALA A 179 -12.04 9.24 -9.17
N ILE A 180 -11.32 8.12 -9.15
CA ILE A 180 -11.28 7.16 -10.26
C ILE A 180 -11.33 5.76 -9.67
N VAL A 181 -12.09 4.88 -10.29
CA VAL A 181 -12.23 3.50 -9.87
C VAL A 181 -11.91 2.65 -11.10
N THR A 182 -10.87 1.83 -11.00
CA THR A 182 -10.48 1.01 -12.12
C THR A 182 -11.12 -0.36 -12.00
N LEU A 183 -11.18 -0.89 -10.78
CA LEU A 183 -11.79 -2.19 -10.49
C LEU A 183 -11.29 -3.41 -11.24
N VAL A 184 -11.59 -4.56 -10.63
CA VAL A 184 -11.23 -5.86 -11.15
C VAL A 184 -11.60 -6.90 -10.07
N GLY A 185 -12.81 -7.44 -10.18
CA GLY A 185 -13.29 -8.43 -9.22
C GLY A 185 -12.27 -9.48 -8.85
N GLU A 186 -11.88 -9.50 -7.59
CA GLU A 186 -10.88 -10.45 -7.09
C GLU A 186 -11.29 -11.93 -7.16
N ALA A 187 -10.26 -12.80 -7.18
CA ALA A 187 -10.44 -14.24 -7.26
C ALA A 187 -10.81 -14.86 -5.91
N HIS A 188 -9.80 -15.36 -5.19
CA HIS A 188 -9.96 -15.98 -3.88
C HIS A 188 -10.20 -14.84 -2.89
N LEU A 189 -10.48 -13.67 -3.45
CA LEU A 189 -10.76 -12.44 -2.71
C LEU A 189 -10.65 -12.52 -1.19
N ALA A 190 -9.43 -12.64 -0.71
CA ALA A 190 -9.17 -12.70 0.72
C ALA A 190 -10.00 -11.69 1.50
N PHE A 191 -10.47 -12.09 2.69
CA PHE A 191 -11.25 -11.22 3.56
C PHE A 191 -12.56 -10.67 2.97
N PHE A 192 -12.54 -10.29 1.69
CA PHE A 192 -13.72 -9.75 1.02
C PHE A 192 -14.63 -10.93 0.71
N LYS A 193 -15.79 -10.67 0.09
CA LYS A 193 -16.74 -11.75 -0.20
C LYS A 193 -17.00 -12.10 -1.66
N ASP A 194 -17.07 -11.10 -2.53
CA ASP A 194 -17.31 -11.34 -3.96
C ASP A 194 -17.29 -10.04 -4.77
N ARG A 195 -17.16 -10.16 -6.08
CA ARG A 195 -17.09 -9.02 -6.98
C ARG A 195 -18.09 -7.91 -6.66
N SER A 196 -19.38 -8.23 -6.65
CA SER A 196 -20.39 -7.22 -6.35
C SER A 196 -20.06 -6.44 -5.09
N GLU A 197 -19.47 -7.11 -4.10
CA GLU A 197 -19.12 -6.44 -2.86
C GLU A 197 -17.89 -5.58 -3.09
N ILE A 198 -16.88 -6.15 -3.75
CA ILE A 198 -15.66 -5.40 -4.03
C ILE A 198 -16.05 -4.12 -4.75
N ALA A 199 -17.10 -4.21 -5.54
CA ALA A 199 -17.60 -3.08 -6.29
C ALA A 199 -18.34 -2.11 -5.36
N LYS A 200 -19.01 -2.66 -4.35
CA LYS A 200 -19.74 -1.85 -3.39
C LYS A 200 -18.74 -1.06 -2.56
N GLY A 201 -17.57 -1.64 -2.34
CA GLY A 201 -16.56 -0.99 -1.55
C GLY A 201 -15.75 0.08 -2.24
N LYS A 202 -15.39 -0.16 -3.50
CA LYS A 202 -14.61 0.83 -4.24
C LYS A 202 -15.48 2.04 -4.51
N GLN A 204 -17.28 3.39 -2.71
CA GLN A 204 -17.36 4.21 -1.51
C GLN A 204 -16.39 5.38 -1.62
N ILE A 205 -15.57 5.35 -2.66
CA ILE A 205 -14.58 6.39 -2.91
C ILE A 205 -15.28 7.73 -3.02
N ALA A 206 -16.59 7.69 -3.26
CA ALA A 206 -17.39 8.89 -3.43
C ALA A 206 -17.94 9.51 -2.17
N ASP A 207 -18.19 8.69 -1.16
CA ASP A 207 -18.77 9.17 0.07
C ASP A 207 -18.25 10.51 0.57
N GLY A 208 -16.94 10.67 0.69
CA GLY A 208 -16.41 11.95 1.14
C GLY A 208 -16.43 13.10 0.14
N ALA A 210 -17.87 16.04 -2.48
CA ALA A 210 -18.87 17.08 -2.61
C ALA A 210 -19.72 16.86 -3.86
N SER A 211 -20.97 17.33 -3.80
CA SER A 211 -21.91 17.20 -4.91
C SER A 211 -21.39 17.88 -6.19
N GLY A 212 -21.52 17.16 -7.31
CA GLY A 212 -21.05 17.68 -8.57
C GLY A 212 -19.65 17.27 -8.95
N SER A 213 -18.94 16.64 -8.00
CA SER A 213 -17.57 16.19 -8.22
C SER A 213 -17.45 15.10 -9.28
N LEU A 214 -16.36 15.15 -10.03
CA LEU A 214 -16.08 14.20 -11.09
C LEU A 214 -15.60 12.85 -10.59
N LEU A 215 -16.37 11.82 -10.91
CA LEU A 215 -16.04 10.48 -10.52
C LEU A 215 -16.01 9.59 -11.76
N LEU A 216 -14.88 8.95 -12.00
CA LEU A 216 -14.74 8.05 -13.14
C LEU A 216 -14.95 6.63 -12.64
N ALA A 217 -15.79 5.89 -13.36
CA ALA A 217 -16.09 4.51 -12.97
C ALA A 217 -16.29 3.68 -14.21
N PRO A 218 -15.92 2.39 -14.14
CA PRO A 218 -16.04 1.45 -15.25
C PRO A 218 -17.44 1.37 -15.83
N ALA A 219 -17.52 0.91 -17.07
CA ALA A 219 -18.78 0.74 -17.77
C ALA A 219 -19.39 -0.57 -17.27
N ASP A 220 -18.57 -1.38 -16.63
CA ASP A 220 -18.98 -2.66 -16.08
C ASP A 220 -20.21 -2.54 -15.18
N PRO A 221 -21.27 -3.27 -15.52
CA PRO A 221 -22.56 -3.33 -14.84
C PRO A 221 -22.47 -3.52 -13.34
N ILE A 222 -21.42 -4.21 -12.89
CA ILE A 222 -21.27 -4.51 -11.48
C ILE A 222 -21.13 -3.30 -10.54
N VAL A 223 -21.12 -2.09 -11.09
CA VAL A 223 -21.01 -0.90 -10.26
C VAL A 223 -22.36 -0.17 -10.20
N GLU A 224 -23.19 -0.38 -11.22
CA GLU A 224 -24.51 0.27 -11.33
C GLU A 224 -25.18 0.54 -10.00
N ASP A 225 -25.48 -0.55 -9.29
CA ASP A 225 -26.16 -0.48 -8.01
C ASP A 225 -25.59 0.50 -6.99
N TYR A 226 -24.29 0.81 -7.12
CA TYR A 226 -23.64 1.69 -6.15
C TYR A 226 -23.15 3.04 -6.65
N LEU A 227 -23.71 3.49 -7.77
CA LEU A 227 -23.33 4.77 -8.31
C LEU A 227 -23.78 5.87 -7.36
N PRO A 228 -23.02 6.97 -7.25
CA PRO A 228 -23.47 8.03 -6.34
C PRO A 228 -24.66 8.75 -6.96
N ILE A 229 -25.49 9.36 -6.13
CA ILE A 229 -26.67 10.05 -6.63
C ILE A 229 -26.40 11.52 -6.98
N ASP A 230 -25.51 12.16 -6.22
CA ASP A 230 -25.24 13.56 -6.46
C ASP A 230 -23.86 13.89 -7.01
N LYS A 231 -23.28 12.98 -7.79
CA LYS A 231 -21.97 13.25 -8.40
C LYS A 231 -21.97 13.09 -9.90
N LYS A 232 -21.10 13.87 -10.54
CA LYS A 232 -20.95 13.85 -12.00
C LYS A 232 -20.19 12.59 -12.31
N VAL A 233 -20.87 11.60 -12.89
CA VAL A 233 -20.24 10.34 -13.23
C VAL A 233 -19.92 10.12 -14.71
N VAL A 234 -18.72 9.63 -14.99
CA VAL A 234 -18.32 9.34 -16.36
C VAL A 234 -17.91 7.87 -16.44
N ARG A 235 -18.50 7.14 -17.36
CA ARG A 235 -18.20 5.73 -17.53
C ARG A 235 -17.15 5.52 -18.62
N PHE A 236 -16.26 4.56 -18.43
CA PHE A 236 -15.21 4.31 -19.41
C PHE A 236 -15.12 2.86 -19.78
N GLY A 237 -14.97 2.62 -21.08
CA GLY A 237 -14.89 1.26 -21.60
C GLY A 237 -15.66 1.23 -22.91
N GLN A 238 -15.59 0.10 -23.61
CA GLN A 238 -16.31 -0.02 -24.87
C GLN A 238 -17.77 0.40 -24.72
N GLY A 239 -18.20 1.38 -25.52
CA GLY A 239 -19.57 1.83 -25.48
C GLY A 239 -19.84 3.05 -24.62
N ALA A 240 -19.07 3.19 -23.54
CA ALA A 240 -19.22 4.30 -22.61
C ALA A 240 -18.79 5.66 -23.17
N GLU A 241 -19.12 6.72 -22.46
CA GLU A 241 -18.79 8.08 -22.84
C GLU A 241 -17.32 8.17 -23.24
N LEU A 242 -16.47 7.49 -22.48
CA LEU A 242 -15.03 7.48 -22.75
C LEU A 242 -14.68 6.06 -23.19
N GLU A 243 -14.03 5.92 -24.34
CA GLU A 243 -13.62 4.61 -24.84
C GLU A 243 -12.40 4.62 -25.74
N ILE A 244 -11.64 3.53 -25.68
CA ILE A 244 -10.46 3.38 -26.49
C ILE A 244 -10.89 2.91 -27.86
N THR A 245 -10.91 3.86 -28.81
CA THR A 245 -11.29 3.61 -30.19
C THR A 245 -10.26 2.77 -30.93
N ASP A 246 -8.98 2.97 -30.62
CA ASP A 246 -7.90 2.22 -31.28
C ASP A 246 -6.68 1.96 -30.42
N LEU A 247 -6.15 0.75 -30.51
CA LEU A 247 -4.96 0.35 -29.75
C LEU A 247 -4.04 -0.55 -30.56
N VAL A 248 -2.73 -0.34 -30.38
CA VAL A 248 -1.71 -1.13 -31.06
C VAL A 248 -0.60 -1.46 -30.07
N GLU A 249 -0.21 -2.74 -30.03
CA GLU A 249 0.83 -3.17 -29.10
C GLU A 249 2.06 -3.75 -29.77
N ARG A 250 3.21 -3.13 -29.51
CA ARG A 250 4.47 -3.62 -30.05
C ARG A 250 4.91 -4.73 -29.10
N LYS A 251 6.16 -5.14 -29.21
CA LYS A 251 6.66 -6.18 -28.32
C LYS A 251 6.69 -5.65 -26.89
N ASP A 252 7.14 -4.41 -26.72
CA ASP A 252 7.22 -3.77 -25.41
C ASP A 252 6.90 -2.28 -25.46
N SER A 253 5.88 -1.92 -26.21
CA SER A 253 5.48 -0.53 -26.34
C SER A 253 3.99 -0.55 -26.66
N LEU A 254 3.35 0.61 -26.81
CA LEU A 254 1.92 0.63 -27.07
C LEU A 254 1.39 1.98 -27.51
N THR A 255 0.46 1.98 -28.45
CA THR A 255 -0.12 3.24 -28.94
C THR A 255 -1.64 3.07 -29.04
N PHE A 256 -2.38 4.00 -28.45
CA PHE A 256 -3.85 3.91 -28.45
C PHE A 256 -4.43 5.30 -28.67
N LYS A 257 -5.69 5.32 -29.11
CA LYS A 257 -6.39 6.57 -29.40
C LYS A 257 -7.65 6.60 -28.55
N ALA A 258 -7.98 7.76 -28.01
CA ALA A 258 -9.17 7.91 -27.17
C ALA A 258 -10.18 8.85 -27.79
N ASN A 259 -11.42 8.38 -27.91
CA ASN A 259 -12.51 9.13 -28.50
C ASN A 259 -12.74 10.57 -28.03
N PHE A 260 -11.86 11.11 -27.19
CA PHE A 260 -12.04 12.48 -26.73
C PHE A 260 -10.74 13.27 -26.87
N LEU A 261 -9.69 12.56 -27.27
CA LEU A 261 -8.41 13.19 -27.52
C LEU A 261 -8.37 13.23 -29.04
N GLU A 262 -7.42 13.95 -29.64
CA GLU A 262 -7.39 13.99 -31.10
C GLU A 262 -6.17 13.32 -31.69
N GLN A 263 -5.25 12.91 -30.82
CA GLN A 263 -4.02 12.26 -31.26
C GLN A 263 -3.75 11.04 -30.38
N ALA A 264 -3.25 9.97 -30.97
CA ALA A 264 -2.94 8.76 -30.21
C ALA A 264 -1.95 9.12 -29.12
N LEU A 265 -1.66 8.14 -28.27
CA LEU A 265 -0.72 8.33 -27.18
C LEU A 265 0.19 7.12 -27.10
N ASP A 266 1.46 7.35 -26.78
CA ASP A 266 2.41 6.26 -26.68
C ASP A 266 2.74 5.94 -25.24
N LEU A 267 2.85 4.67 -24.94
CA LEU A 267 3.18 4.23 -23.59
C LEU A 267 4.21 3.13 -23.67
N PRO A 268 5.33 3.29 -22.94
CA PRO A 268 6.44 2.33 -22.89
C PRO A 268 6.11 1.08 -22.11
N VAL A 269 4.88 0.59 -22.24
CA VAL A 269 4.43 -0.63 -21.57
C VAL A 269 3.44 -1.34 -22.48
N THR A 270 3.05 -2.56 -22.12
CA THR A 270 2.11 -3.31 -22.95
C THR A 270 0.89 -3.79 -22.17
N GLY A 271 -0.29 -3.36 -22.60
CA GLY A 271 -1.51 -3.77 -21.92
C GLY A 271 -2.75 -2.91 -22.15
N LYS A 272 -3.89 -3.56 -22.36
CA LYS A 272 -5.15 -2.87 -22.58
C LYS A 272 -5.57 -2.15 -21.29
N TYR A 273 -5.09 -2.67 -20.16
CA TYR A 273 -5.37 -2.08 -18.86
C TYR A 273 -4.51 -0.81 -18.69
N ASN A 274 -3.23 -0.89 -19.04
CA ASN A 274 -2.37 0.29 -18.95
C ASN A 274 -3.01 1.36 -19.83
N ALA A 275 -3.57 0.91 -20.96
CA ALA A 275 -4.22 1.81 -21.91
C ALA A 275 -5.40 2.56 -21.30
N THR A 276 -6.28 1.82 -20.62
CA THR A 276 -7.44 2.40 -19.97
C THR A 276 -6.97 3.37 -18.87
N ASN A 277 -6.03 2.91 -18.03
CA ASN A 277 -5.47 3.72 -16.94
C ASN A 277 -4.95 5.07 -17.46
N ALA A 278 -4.16 5.01 -18.53
CA ALA A 278 -3.61 6.23 -19.09
C ALA A 278 -4.75 7.10 -19.60
N ILE A 280 -8.01 7.22 -18.68
CA ILE A 280 -8.73 7.79 -17.55
C ILE A 280 -7.87 8.78 -16.80
N ALA A 281 -6.57 8.55 -16.76
CA ALA A 281 -5.67 9.50 -16.09
C ALA A 281 -5.65 10.81 -16.88
N SER A 282 -5.71 10.69 -18.20
CA SER A 282 -5.68 11.86 -19.05
C SER A 282 -6.94 12.70 -18.96
N TYR A 283 -8.09 12.07 -19.12
CA TYR A 283 -9.37 12.78 -19.05
C TYR A 283 -9.32 13.67 -17.81
N VAL A 284 -8.95 13.08 -16.67
CA VAL A 284 -8.88 13.85 -15.44
C VAL A 284 -7.77 14.90 -15.55
N ALA A 285 -6.65 14.52 -16.16
CA ALA A 285 -5.53 15.43 -16.34
C ALA A 285 -6.01 16.68 -17.10
N LEU A 286 -6.88 16.45 -18.08
CA LEU A 286 -7.42 17.54 -18.85
C LEU A 286 -8.26 18.45 -17.93
N GLN A 287 -9.26 17.88 -17.27
CA GLN A 287 -10.11 18.66 -16.38
C GLN A 287 -9.31 19.62 -15.52
N GLU A 288 -8.11 19.24 -15.15
CA GLU A 288 -7.28 20.11 -14.33
C GLU A 288 -6.50 21.13 -15.16
N GLY A 289 -6.89 21.26 -16.43
CA GLY A 289 -6.22 22.21 -17.31
C GLY A 289 -4.83 21.88 -17.79
N VAL A 290 -4.64 20.68 -18.32
CA VAL A 290 -3.34 20.26 -18.83
C VAL A 290 -3.49 19.92 -20.31
N SER A 291 -2.71 20.61 -21.15
CA SER A 291 -2.76 20.42 -22.58
C SER A 291 -2.55 18.97 -23.01
N GLU A 292 -3.34 18.54 -23.99
CA GLU A 292 -3.22 17.19 -24.52
C GLU A 292 -1.77 16.93 -24.93
N GLU A 293 -1.05 17.99 -25.28
CA GLU A 293 0.34 17.84 -25.69
C GLU A 293 1.22 17.61 -24.48
N GLN A 294 1.12 18.49 -23.49
CA GLN A 294 1.91 18.34 -22.28
C GLN A 294 1.75 16.89 -21.81
N ILE A 295 0.60 16.30 -22.14
CA ILE A 295 0.29 14.93 -21.77
C ILE A 295 1.03 13.96 -22.68
N ARG A 296 0.72 14.02 -23.97
CA ARG A 296 1.37 13.15 -24.96
C ARG A 296 2.88 13.22 -24.73
N LEU A 297 3.35 14.43 -24.45
CA LEU A 297 4.75 14.68 -24.18
C LEU A 297 5.13 13.95 -22.90
N ALA A 298 4.34 14.18 -21.86
CA ALA A 298 4.56 13.58 -20.56
C ALA A 298 4.68 12.05 -20.59
N PHE A 299 3.79 11.39 -21.32
CA PHE A 299 3.83 9.93 -21.41
C PHE A 299 5.09 9.46 -22.13
N GLN A 300 5.68 10.36 -22.92
CA GLN A 300 6.92 10.11 -23.68
C GLN A 300 7.76 9.17 -22.83
N HIS A 301 8.11 9.66 -21.65
CA HIS A 301 8.88 8.88 -20.70
C HIS A 301 7.89 8.64 -19.58
N LEU A 302 7.99 7.50 -18.91
CA LEU A 302 7.06 7.25 -17.83
C LEU A 302 7.80 6.88 -16.58
N GLU A 303 7.85 5.58 -16.27
CA GLU A 303 8.55 5.09 -15.08
C GLU A 303 7.95 3.81 -14.51
N LEU A 304 8.12 2.69 -15.20
CA LEU A 304 7.58 1.44 -14.69
C LEU A 304 7.71 1.47 -13.17
N THR A 305 6.62 1.16 -12.48
CA THR A 305 6.60 1.19 -11.01
C THR A 305 6.85 -0.20 -10.39
N ARG A 306 7.98 -0.79 -10.76
CA ARG A 306 8.42 -2.10 -10.29
C ARG A 306 7.34 -3.04 -9.72
N ASN A 307 6.99 -4.04 -10.52
CA ASN A 307 6.00 -5.07 -10.18
C ASN A 307 4.83 -4.62 -9.30
N ARG A 308 4.99 -4.83 -7.99
CA ARG A 308 3.99 -4.53 -6.96
C ARG A 308 3.52 -5.88 -6.43
N THR A 309 2.96 -5.93 -5.23
CA THR A 309 2.51 -7.21 -4.67
C THR A 309 1.22 -7.73 -5.31
N GLU A 310 1.38 -8.62 -6.29
CA GLU A 310 0.26 -9.22 -7.00
C GLU A 310 0.57 -10.70 -7.20
N TRP A 311 -0.46 -11.54 -7.27
CA TRP A 311 -0.23 -12.96 -7.48
C TRP A 311 0.45 -13.19 -8.82
N LYS A 312 1.04 -14.37 -9.02
CA LYS A 312 1.70 -14.72 -10.27
C LYS A 312 1.73 -16.23 -10.47
N LYS A 313 2.61 -16.74 -11.33
CA LYS A 313 2.66 -18.18 -11.58
C LYS A 313 4.06 -18.74 -11.87
N ALA A 314 4.41 -19.81 -11.17
CA ALA A 314 5.67 -20.48 -11.36
C ALA A 314 5.33 -21.52 -12.38
N ALA A 315 6.27 -21.84 -13.28
CA ALA A 315 6.00 -22.87 -14.27
C ALA A 315 5.60 -24.05 -13.40
N ASN A 316 4.29 -24.19 -13.19
CA ASN A 316 3.74 -25.24 -12.34
C ASN A 316 2.28 -24.87 -12.09
N GLY A 317 1.86 -23.78 -12.73
CA GLY A 317 0.49 -23.33 -12.57
C GLY A 317 0.19 -23.14 -11.09
N ALA A 318 1.21 -22.71 -10.36
CA ALA A 318 1.08 -22.48 -8.91
C ALA A 318 0.79 -21.01 -8.64
N ASP A 319 0.23 -20.74 -7.46
CA ASP A 319 -0.13 -19.38 -7.04
C ASP A 319 0.91 -18.67 -6.17
N ILE A 320 2.06 -18.34 -6.74
CA ILE A 320 3.12 -17.62 -6.01
C ILE A 320 2.52 -16.39 -5.32
N LEU A 321 3.37 -15.54 -4.72
CA LEU A 321 2.90 -14.32 -4.04
C LEU A 321 4.07 -13.63 -3.36
N SER A 322 5.08 -13.23 -4.13
CA SER A 322 6.24 -12.58 -3.56
C SER A 322 6.12 -11.09 -3.26
N ASP A 323 6.20 -10.74 -1.97
CA ASP A 323 6.15 -9.35 -1.56
C ASP A 323 7.60 -8.90 -1.56
N VAL A 324 7.95 -7.95 -2.43
CA VAL A 324 9.34 -7.50 -2.54
C VAL A 324 9.72 -6.29 -1.70
N TYR A 325 8.73 -5.49 -1.32
CA TYR A 325 8.99 -4.30 -0.52
C TYR A 325 8.31 -4.38 0.85
N ASN A 326 8.47 -3.34 1.67
CA ASN A 326 7.89 -3.32 3.01
C ASN A 326 8.52 -4.38 3.90
N ALA A 327 9.84 -4.37 3.97
CA ALA A 327 10.58 -5.34 4.79
C ALA A 327 10.59 -4.93 6.26
N ASN A 328 9.49 -5.16 6.96
CA ASN A 328 9.40 -4.80 8.36
C ASN A 328 8.40 -5.74 9.00
N PRO A 329 8.53 -5.96 10.32
CA PRO A 329 7.68 -6.81 11.14
C PRO A 329 6.20 -6.67 10.86
N THR A 330 5.66 -5.49 11.15
CA THR A 330 4.23 -5.25 10.94
C THR A 330 3.78 -5.64 9.53
N ALA A 331 4.57 -5.28 8.52
CA ALA A 331 4.23 -5.61 7.14
C ALA A 331 4.05 -7.10 7.01
N LYS A 333 3.74 -9.24 9.44
CA LYS A 333 2.70 -9.70 10.35
C LYS A 333 1.34 -9.60 9.70
N LEU A 334 1.15 -8.61 8.84
CA LEU A 334 -0.12 -8.44 8.15
C LEU A 334 -0.13 -9.36 6.93
N ILE A 335 0.89 -9.18 6.08
CA ILE A 335 1.07 -9.98 4.88
C ILE A 335 0.78 -11.44 5.21
N LEU A 336 0.96 -11.83 6.48
CA LEU A 336 0.69 -13.20 6.92
C LEU A 336 -0.79 -13.34 7.26
N GLU A 337 -1.26 -12.54 8.22
CA GLU A 337 -2.66 -12.58 8.65
C GLU A 337 -3.61 -12.62 7.46
N THR A 338 -3.18 -12.04 6.36
CA THR A 338 -3.95 -12.02 5.13
C THR A 338 -3.78 -13.37 4.46
N PHE A 339 -2.58 -13.63 3.95
CA PHE A 339 -2.23 -14.88 3.26
C PHE A 339 -2.78 -16.08 4.01
N SER A 340 -3.19 -15.89 5.25
CA SER A 340 -3.74 -16.99 6.04
C SER A 340 -5.21 -16.79 6.35
N ALA A 341 -5.93 -16.25 5.37
CA ALA A 341 -7.36 -16.01 5.51
C ALA A 341 -7.99 -16.74 4.33
N ILE A 342 -7.40 -16.49 3.17
CA ILE A 342 -7.81 -17.10 1.92
C ILE A 342 -7.58 -18.62 1.93
N PRO A 343 -8.66 -19.43 1.98
CA PRO A 343 -8.36 -20.86 1.98
C PRO A 343 -7.54 -21.27 0.74
N ALA A 344 -7.21 -22.55 0.63
CA ALA A 344 -6.36 -23.04 -0.45
C ALA A 344 -6.94 -23.41 -1.80
N ASN A 345 -6.01 -23.56 -2.75
CA ASN A 345 -6.28 -23.92 -4.13
C ASN A 345 -6.32 -25.43 -4.31
N GLU A 346 -7.40 -25.90 -4.93
CA GLU A 346 -7.64 -27.31 -5.23
C GLU A 346 -7.42 -28.25 -4.06
N GLY A 347 -6.27 -28.91 -4.03
CA GLY A 347 -5.97 -29.83 -2.95
C GLY A 347 -6.32 -29.24 -1.60
N GLY A 348 -5.71 -28.09 -1.29
CA GLY A 348 -5.95 -27.43 -0.02
C GLY A 348 -4.69 -27.44 0.82
N LYS A 349 -3.57 -27.01 0.21
CA LYS A 349 -2.28 -26.99 0.89
C LYS A 349 -1.71 -25.56 0.98
N LYS A 350 -1.29 -25.18 2.18
CA LYS A 350 -0.74 -23.85 2.44
C LYS A 350 0.75 -23.79 2.83
N ILE A 351 1.58 -23.29 1.92
CA ILE A 351 3.01 -23.14 2.16
C ILE A 351 3.32 -21.66 2.42
N ALA A 352 4.43 -21.39 3.11
CA ALA A 352 4.86 -20.02 3.41
C ALA A 352 6.36 -19.96 3.61
N VAL A 353 7.06 -19.28 2.70
CA VAL A 353 8.50 -19.13 2.80
C VAL A 353 8.82 -17.78 3.44
N LEU A 354 9.74 -17.77 4.40
CA LEU A 354 10.09 -16.54 5.11
C LEU A 354 11.60 -16.35 5.29
N ALA A 355 12.07 -15.16 5.00
CA ALA A 355 13.48 -14.90 5.14
C ALA A 355 13.76 -13.58 5.84
N ASP A 356 14.97 -13.47 6.37
CA ASP A 356 15.43 -12.31 7.11
C ASP A 356 15.06 -10.94 6.57
N LYS A 358 16.31 -7.35 6.78
CA LYS A 358 17.45 -6.52 7.15
C LYS A 358 17.05 -5.21 7.86
N GLU A 359 18.04 -4.58 8.47
CA GLU A 359 17.88 -3.29 9.14
C GLU A 359 16.91 -3.14 10.29
N LEU A 360 16.39 -4.22 10.84
CA LEU A 360 15.49 -4.06 11.97
C LEU A 360 16.29 -3.50 13.13
N GLY A 361 17.61 -3.55 12.99
CA GLY A 361 18.46 -3.04 14.05
C GLY A 361 18.96 -4.09 15.02
N ASP A 362 19.48 -3.64 16.15
CA ASP A 362 20.01 -4.55 17.16
C ASP A 362 18.97 -5.53 17.70
N GLN A 363 17.69 -5.18 17.58
CA GLN A 363 16.60 -6.04 18.06
C GLN A 363 16.03 -6.91 16.94
N SER A 364 16.79 -7.07 15.86
CA SER A 364 16.34 -7.86 14.74
C SER A 364 15.82 -9.23 15.12
N VAL A 365 16.66 -10.00 15.79
CA VAL A 365 16.29 -11.35 16.20
C VAL A 365 15.04 -11.38 17.08
N GLN A 366 14.95 -10.44 18.01
CA GLN A 366 13.80 -10.41 18.87
C GLN A 366 12.60 -10.13 17.98
N LEU A 367 12.78 -9.23 17.01
CA LEU A 367 11.73 -8.84 16.09
C LEU A 367 11.21 -9.98 15.24
N HIS A 368 12.10 -10.80 14.71
CA HIS A 368 11.65 -11.92 13.90
C HIS A 368 10.79 -12.90 14.69
N ASN A 369 11.23 -13.32 15.87
CA ASN A 369 10.46 -14.26 16.68
C ASN A 369 9.04 -13.79 16.89
N GLN A 370 8.86 -12.47 16.92
CA GLN A 370 7.54 -11.86 17.13
C GLN A 370 6.55 -12.43 16.13
N ILE A 372 6.14 -15.42 15.40
CA ILE A 372 5.61 -16.68 15.88
C ILE A 372 4.17 -16.48 16.32
N LEU A 373 3.82 -15.26 16.67
CA LEU A 373 2.45 -14.99 17.10
C LEU A 373 1.51 -14.99 15.89
N SER A 374 2.08 -14.80 14.69
CA SER A 374 1.29 -14.77 13.46
C SER A 374 1.35 -16.07 12.65
N LEU A 375 1.96 -17.10 13.23
CA LEU A 375 2.06 -18.40 12.57
C LEU A 375 1.19 -19.42 13.27
N SER A 376 0.28 -20.05 12.54
CA SER A 376 -0.59 -21.06 13.15
C SER A 376 -0.54 -22.39 12.40
N PRO A 377 -0.22 -23.47 13.12
CA PRO A 377 -0.12 -24.84 12.61
C PRO A 377 -1.37 -25.26 11.85
N ASP A 378 -2.51 -24.81 12.37
CA ASP A 378 -3.82 -25.11 11.79
C ASP A 378 -3.99 -24.58 10.37
N VAL A 379 -3.71 -23.31 10.16
CA VAL A 379 -3.86 -22.71 8.84
C VAL A 379 -2.66 -22.94 7.93
N LEU A 380 -1.45 -22.88 8.47
CA LEU A 380 -0.27 -23.12 7.66
C LEU A 380 0.11 -24.57 7.73
N ASP A 381 0.28 -25.18 6.57
CA ASP A 381 0.62 -26.60 6.50
C ASP A 381 2.12 -26.79 6.53
N ILE A 382 2.82 -25.98 5.76
CA ILE A 382 4.28 -25.99 5.70
C ILE A 382 4.79 -24.55 5.82
N VAL A 383 5.94 -24.37 6.47
CA VAL A 383 6.52 -23.05 6.62
C VAL A 383 8.02 -23.20 6.43
N ILE A 384 8.56 -22.48 5.46
CA ILE A 384 9.98 -22.60 5.19
C ILE A 384 10.67 -21.30 5.57
N PHE A 385 11.82 -21.43 6.23
CA PHE A 385 12.59 -20.29 6.68
C PHE A 385 13.95 -20.25 6.01
N TYR A 386 14.33 -19.11 5.46
CA TYR A 386 15.61 -18.95 4.81
C TYR A 386 16.30 -17.77 5.46
N GLY A 387 17.59 -17.87 5.75
CA GLY A 387 18.28 -16.75 6.36
C GLY A 387 19.12 -17.04 7.59
N GLU A 388 19.32 -16.01 8.41
CA GLU A 388 20.11 -16.13 9.64
C GLU A 388 19.35 -15.63 10.89
N ASP A 389 19.01 -14.35 10.92
CA ASP A 389 18.27 -13.79 12.05
C ASP A 389 16.93 -14.47 12.25
N ILE A 390 16.48 -15.16 11.21
CA ILE A 390 15.21 -15.87 11.25
C ILE A 390 15.35 -17.25 11.91
N ALA A 391 16.57 -17.57 12.35
CA ALA A 391 16.84 -18.86 12.97
C ALA A 391 16.02 -19.20 14.23
N GLN A 392 15.99 -18.32 15.22
CA GLN A 392 15.22 -18.63 16.41
C GLN A 392 13.74 -18.71 16.08
N LEU A 393 13.31 -18.03 15.02
CA LEU A 393 11.91 -18.06 14.65
C LEU A 393 11.57 -19.46 14.13
N ALA A 394 12.48 -20.04 13.35
CA ALA A 394 12.30 -21.38 12.80
C ALA A 394 12.20 -22.43 13.92
N GLN A 395 13.10 -22.31 14.90
CA GLN A 395 13.15 -23.20 16.04
C GLN A 395 11.82 -23.12 16.77
N LEU A 396 11.29 -21.92 16.94
CA LEU A 396 10.01 -21.74 17.62
C LEU A 396 8.87 -22.40 16.83
N ALA A 397 8.85 -22.17 15.53
CA ALA A 397 7.83 -22.76 14.68
C ALA A 397 7.91 -24.29 14.74
N SER A 398 9.13 -24.83 14.68
CA SER A 398 9.32 -26.27 14.72
C SER A 398 8.75 -26.93 15.98
N GLN A 399 8.69 -26.17 17.07
CA GLN A 399 8.17 -26.69 18.34
C GLN A 399 6.66 -26.52 18.44
N PHE A 401 4.57 -26.29 15.52
CA PHE A 401 3.99 -27.01 14.38
C PHE A 401 4.23 -28.51 14.38
N PRO A 402 3.49 -29.24 13.53
CA PRO A 402 3.63 -30.70 13.41
C PRO A 402 5.07 -31.06 13.11
N ILE A 403 5.40 -32.35 13.25
CA ILE A 403 6.74 -32.80 12.97
C ILE A 403 6.94 -32.73 11.47
N GLY A 404 8.07 -32.16 11.05
CA GLY A 404 8.39 -32.05 9.63
C GLY A 404 7.70 -30.95 8.85
N HIS A 405 6.86 -30.16 9.50
CA HIS A 405 6.15 -29.11 8.78
C HIS A 405 6.94 -27.83 8.64
N VAL A 406 8.14 -27.81 9.16
CA VAL A 406 8.98 -26.63 9.06
C VAL A 406 10.32 -26.95 8.41
N TYR A 407 10.92 -25.93 7.78
CA TYR A 407 12.21 -26.08 7.14
C TYR A 407 13.03 -24.84 7.39
N TYR A 408 14.33 -25.02 7.52
CA TYR A 408 15.23 -23.92 7.75
C TYR A 408 16.49 -24.04 6.89
N PHE A 409 16.90 -22.96 6.26
CA PHE A 409 18.10 -22.99 5.45
C PHE A 409 18.94 -21.81 5.87
N LYS A 410 20.23 -22.04 6.00
CA LYS A 410 21.14 -20.99 6.44
C LYS A 410 21.54 -20.07 5.30
N LYS A 411 22.09 -18.92 5.66
CA LYS A 411 22.55 -17.91 4.70
C LYS A 411 23.32 -16.84 5.45
N THR A 412 24.64 -16.82 5.24
CA THR A 412 25.48 -15.85 5.91
C THR A 412 26.69 -15.50 5.03
N GLU A 413 27.67 -14.82 5.62
CA GLU A 413 28.87 -14.44 4.89
C GLU A 413 29.79 -15.66 4.72
N ASP A 414 29.47 -16.73 5.46
CA ASP A 414 30.25 -17.96 5.40
C ASP A 414 29.55 -19.04 4.58
N GLN A 415 28.23 -19.13 4.71
CA GLN A 415 27.46 -20.12 3.97
C GLN A 415 26.19 -19.55 3.36
N ASP A 416 25.50 -20.35 2.57
CA ASP A 416 24.26 -19.95 1.93
C ASP A 416 23.65 -21.15 1.23
N GLN A 417 22.90 -21.96 1.96
CA GLN A 417 22.29 -23.14 1.37
C GLN A 417 21.14 -22.76 0.46
N PHE A 418 21.37 -21.77 -0.40
CA PHE A 418 20.32 -21.37 -1.32
C PHE A 418 19.99 -22.53 -2.22
N GLU A 419 21.04 -23.26 -2.59
CA GLU A 419 20.90 -24.43 -3.45
C GLU A 419 19.84 -25.36 -2.87
N ASP A 420 20.01 -25.70 -1.59
CA ASP A 420 19.08 -26.59 -0.89
C ASP A 420 17.70 -25.97 -0.68
N LEU A 421 17.61 -24.64 -0.59
CA LEU A 421 16.29 -24.03 -0.42
C LEU A 421 15.56 -24.30 -1.73
N VAL A 422 16.24 -24.00 -2.82
CA VAL A 422 15.72 -24.19 -4.15
C VAL A 422 14.96 -25.52 -4.21
N LYS A 423 15.75 -26.59 -4.22
CA LYS A 423 15.23 -27.95 -4.27
C LYS A 423 14.04 -28.11 -3.34
N GLN A 424 14.30 -28.05 -2.04
CA GLN A 424 13.25 -28.20 -1.05
C GLN A 424 11.95 -27.54 -1.47
N VAL A 425 12.04 -26.27 -1.86
CA VAL A 425 10.85 -25.53 -2.27
C VAL A 425 10.20 -26.18 -3.48
N LYS A 426 11.01 -26.47 -4.50
CA LYS A 426 10.49 -27.09 -5.71
C LYS A 426 9.71 -28.35 -5.33
N GLU A 427 10.40 -29.27 -4.66
CA GLU A 427 9.80 -30.53 -4.22
C GLU A 427 8.58 -30.31 -3.32
N SER A 428 8.70 -29.38 -2.38
CA SER A 428 7.60 -29.09 -1.46
C SER A 428 6.41 -28.47 -2.17
N LEU A 429 6.69 -27.48 -3.03
CA LEU A 429 5.64 -26.80 -3.75
C LEU A 429 4.99 -27.69 -4.81
N GLY A 430 3.68 -27.90 -4.67
CA GLY A 430 2.95 -28.71 -5.63
C GLY A 430 2.26 -27.78 -6.61
N ALA A 431 1.93 -28.29 -7.79
CA ALA A 431 1.27 -27.49 -8.83
C ALA A 431 -0.06 -26.91 -8.40
N HIS A 432 -0.52 -27.32 -7.22
CA HIS A 432 -1.79 -26.83 -6.68
C HIS A 432 -1.61 -26.23 -5.29
N ASP A 433 -0.45 -25.60 -5.08
CA ASP A 433 -0.12 -24.99 -3.80
C ASP A 433 0.09 -23.47 -3.91
N GLN A 434 0.11 -22.81 -2.76
CA GLN A 434 0.28 -21.35 -2.65
C GLN A 434 1.49 -21.04 -1.78
N ILE A 435 2.52 -20.50 -2.38
CA ILE A 435 3.73 -20.19 -1.64
C ILE A 435 4.00 -18.69 -1.49
N LEU A 436 3.91 -18.21 -0.26
CA LEU A 436 4.14 -16.80 0.03
C LEU A 436 5.60 -16.60 0.31
N LEU A 437 6.26 -15.77 -0.49
CA LEU A 437 7.67 -15.48 -0.23
C LEU A 437 7.72 -14.03 0.23
N LYS A 438 8.09 -13.82 1.49
CA LYS A 438 8.16 -12.49 2.09
C LYS A 438 9.49 -12.31 2.80
N GLY A 439 10.00 -11.08 2.78
CA GLY A 439 11.26 -10.80 3.45
C GLY A 439 12.17 -9.93 2.62
N SER A 440 13.11 -9.23 3.26
CA SER A 440 14.03 -8.36 2.52
C SER A 440 14.39 -8.93 1.16
N ASN A 441 14.40 -8.07 0.14
CA ASN A 441 14.76 -8.53 -1.19
C ASN A 441 16.28 -8.73 -1.18
N SER A 442 16.71 -9.94 -1.50
CA SER A 442 18.13 -10.27 -1.53
C SER A 442 18.44 -10.77 -2.92
N ASN A 444 19.73 -13.57 -3.78
CA ASN A 444 19.25 -14.94 -3.82
C ASN A 444 17.72 -15.04 -3.77
N LEU A 445 17.09 -14.36 -2.83
CA LEU A 445 15.64 -14.41 -2.74
C LEU A 445 15.09 -14.21 -4.14
N ALA A 446 15.73 -13.32 -4.90
CA ALA A 446 15.31 -13.00 -6.27
C ALA A 446 15.51 -14.17 -7.22
N LYS A 447 16.63 -14.86 -7.07
CA LYS A 447 16.94 -16.02 -7.91
C LYS A 447 15.90 -17.11 -7.73
N LEU A 448 15.60 -17.46 -6.48
CA LEU A 448 14.61 -18.49 -6.18
C LEU A 448 13.30 -18.14 -6.87
N VAL A 449 12.81 -16.92 -6.66
CA VAL A 449 11.58 -16.48 -7.28
C VAL A 449 11.64 -16.85 -8.75
N GLU A 450 12.82 -16.65 -9.34
CA GLU A 450 13.05 -16.97 -10.74
C GLU A 450 12.76 -18.43 -11.04
N SER A 451 13.64 -19.31 -10.58
CA SER A 451 13.50 -20.75 -10.78
C SER A 451 12.05 -21.17 -10.73
N LEU A 452 11.38 -20.83 -9.64
CA LEU A 452 9.98 -21.16 -9.44
C LEU A 452 9.20 -20.91 -10.75
N GLU A 453 9.36 -19.69 -11.26
CA GLU A 453 8.67 -19.23 -12.46
C GLU A 453 8.98 -19.93 -13.80
N ASN A 454 10.27 -20.15 -14.08
CA ASN A 454 10.68 -20.81 -15.33
C ASN A 454 9.72 -21.91 -15.76
#